data_3OZR
#
_entry.id   3OZR
#
_cell.length_a   50.533
_cell.length_b   50.533
_cell.length_c   167.719
_cell.angle_alpha   90.00
_cell.angle_beta   90.00
_cell.angle_gamma   120.00
#
_symmetry.space_group_name_H-M   'P 32 2 1'
#
loop_
_entity.id
_entity.type
_entity.pdbx_description
1 polymer 'Catechol O-methyltransferase'
2 non-polymer 'MAGNESIUM ION'
3 non-polymer 'CHLORIDE ION'
4 non-polymer N-[(E)-3-[(2R,3S,4S)-3,4-dihydroxyoxolan-2-yl]prop-2-enyl]-2,3-dihydroxy-5-nitro-benzamide
5 water water
#
_entity_poly.entity_id   1
_entity_poly.type   'polypeptide(L)'
_entity_poly.pdbx_seq_one_letter_code
;MGDTKEQRILRYVQQNAKPGDPQSVLEAIDTYCTQKEWAMNVGDAKGQIMDAVIREYSPSLVLELGAYCGYSAVRMARLL
QPGARLLTMEINPDCAAITQQMLNFAGLQDKVTILNGASQDLIPQLKKKYDVDTLDMVFLDHWKDRYLPDTLLLEKCGLL
RKGTVLLADNVIVPGTPDFLAYVRGSSSFECTHYSSYLEYMKVVDGLEKAIYQGPSSPDKS
;
_entity_poly.pdbx_strand_id   A
#
loop_
_chem_comp.id
_chem_comp.type
_chem_comp.name
_chem_comp.formula
CL non-polymer 'CHLORIDE ION' 'Cl -1'
MG non-polymer 'MAGNESIUM ION' 'Mg 2'
OZR non-polymer N-[(E)-3-[(2R,3S,4S)-3,4-dihydroxyoxolan-2-yl]prop-2-enyl]-2,3-dihydroxy-5-nitro-benzamide 'C14 H16 N2 O8'
#
# COMPACT_ATOMS: atom_id res chain seq x y z
N ASP A 3 -3.40 -25.67 0.97
CA ASP A 3 -3.00 -24.66 2.00
C ASP A 3 -1.78 -23.79 1.61
N THR A 4 -1.96 -22.46 1.58
CA THR A 4 -0.88 -21.53 1.17
C THR A 4 -0.33 -20.74 2.36
N LYS A 5 0.85 -20.16 2.16
CA LYS A 5 1.47 -19.25 3.14
C LYS A 5 0.50 -18.14 3.62
N GLU A 6 -0.21 -17.57 2.65
CA GLU A 6 -1.09 -16.44 2.89
C GLU A 6 -2.29 -16.85 3.75
N GLN A 7 -2.86 -18.02 3.44
CA GLN A 7 -3.96 -18.58 4.24
C GLN A 7 -3.52 -18.91 5.67
N ARG A 8 -2.28 -19.37 5.82
CA ARG A 8 -1.73 -19.62 7.15
C ARG A 8 -1.60 -18.31 7.94
N ILE A 9 -1.26 -17.22 7.26
CA ILE A 9 -1.12 -15.93 7.96
C ILE A 9 -2.52 -15.48 8.43
N LEU A 10 -3.49 -15.54 7.54
CA LEU A 10 -4.88 -15.19 7.86
C LEU A 10 -5.37 -15.99 9.05
N ARG A 11 -5.21 -17.31 8.99
CA ARG A 11 -5.61 -18.17 10.10
CA ARG A 11 -5.58 -18.19 10.10
C ARG A 11 -4.90 -17.79 11.40
N TYR A 12 -3.61 -17.48 11.35
CA TYR A 12 -2.92 -17.09 12.57
C TYR A 12 -3.56 -15.80 13.10
N VAL A 13 -3.91 -14.86 12.22
CA VAL A 13 -4.50 -13.62 12.70
C VAL A 13 -5.86 -13.95 13.37
N GLN A 14 -6.67 -14.73 12.69
CA GLN A 14 -7.97 -15.15 13.28
C GLN A 14 -7.83 -15.82 14.64
N GLN A 15 -6.76 -16.59 14.82
CA GLN A 15 -6.56 -17.31 16.06
C GLN A 15 -5.96 -16.49 17.18
N ASN A 16 -5.27 -15.39 16.85
CA ASN A 16 -4.41 -14.68 17.86
C ASN A 16 -4.69 -13.21 18.09
N ALA A 17 -5.17 -12.52 17.06
CA ALA A 17 -5.44 -11.08 17.17
C ALA A 17 -6.83 -10.81 17.77
N LYS A 18 -7.03 -9.59 18.27
CA LYS A 18 -8.31 -9.20 18.86
CA LYS A 18 -8.30 -9.20 18.86
C LYS A 18 -9.19 -8.65 17.73
N PRO A 19 -10.37 -9.26 17.52
CA PRO A 19 -11.23 -8.70 16.48
C PRO A 19 -11.54 -7.22 16.67
N GLY A 20 -11.65 -6.48 15.56
CA GLY A 20 -11.95 -5.03 15.61
C GLY A 20 -10.80 -4.15 16.13
N ASP A 21 -9.61 -4.72 16.27
CA ASP A 21 -8.41 -4.02 16.77
C ASP A 21 -7.25 -4.09 15.70
N PRO A 22 -7.15 -3.05 14.86
CA PRO A 22 -6.17 -3.05 13.75
C PRO A 22 -4.74 -3.23 14.19
N GLN A 23 -4.36 -2.61 15.29
CA GLN A 23 -3.03 -2.73 15.85
C GLN A 23 -2.70 -4.16 16.22
N SER A 24 -3.66 -4.88 16.78
CA SER A 24 -3.46 -6.26 17.13
C SER A 24 -3.23 -7.14 15.88
N VAL A 25 -4.02 -6.90 14.84
CA VAL A 25 -3.85 -7.60 13.54
C VAL A 25 -2.43 -7.42 12.98
N LEU A 26 -2.00 -6.16 12.89
CA LEU A 26 -0.61 -5.84 12.45
C LEU A 26 0.43 -6.56 13.27
N GLU A 27 0.28 -6.53 14.60
CA GLU A 27 1.20 -7.20 15.48
C GLU A 27 1.22 -8.71 15.27
N ALA A 28 0.07 -9.34 15.02
CA ALA A 28 0.06 -10.80 14.83
C ALA A 28 0.73 -11.20 13.48
N ILE A 29 0.46 -10.43 12.44
CA ILE A 29 1.09 -10.61 11.13
C ILE A 29 2.60 -10.47 11.29
N ASP A 30 3.04 -9.40 11.95
CA ASP A 30 4.48 -9.19 12.14
C ASP A 30 5.13 -10.31 12.95
N THR A 31 4.46 -10.77 14.01
CA THR A 31 4.97 -11.92 14.78
C THR A 31 5.11 -13.19 13.94
N TYR A 32 4.07 -13.53 13.18
CA TYR A 32 4.10 -14.74 12.37
C TYR A 32 5.21 -14.71 11.32
N CYS A 33 5.35 -13.57 10.65
CA CYS A 33 6.35 -13.43 9.61
C CYS A 33 7.75 -13.31 10.14
N THR A 34 7.90 -12.85 11.38
CA THR A 34 9.20 -12.79 12.06
C THR A 34 9.66 -14.18 12.53
N GLN A 35 8.73 -14.95 13.10
CA GLN A 35 9.07 -16.21 13.80
C GLN A 35 8.82 -17.51 13.04
N LYS A 36 7.91 -17.51 12.08
CA LYS A 36 7.54 -18.73 11.36
C LYS A 36 7.89 -18.69 9.88
N GLU A 37 7.38 -17.69 9.16
CA GLU A 37 7.52 -17.62 7.69
C GLU A 37 7.66 -16.19 7.19
N TRP A 38 8.79 -15.87 6.59
CA TRP A 38 8.96 -14.56 5.94
C TRP A 38 7.86 -14.31 4.91
N ALA A 39 7.36 -13.06 4.84
CA ALA A 39 6.48 -12.72 3.74
C ALA A 39 6.60 -11.21 3.41
N MET A 40 6.13 -10.84 2.23
CA MET A 40 6.46 -9.52 1.67
C MET A 40 5.49 -8.43 2.12
N ASN A 41 5.14 -8.44 3.40
CA ASN A 41 4.37 -7.32 4.01
C ASN A 41 5.34 -6.13 4.17
N VAL A 42 4.85 -4.91 4.21
CA VAL A 42 5.76 -3.77 4.37
CA VAL A 42 5.71 -3.74 4.39
C VAL A 42 6.53 -3.83 5.69
N GLY A 43 5.91 -4.42 6.72
CA GLY A 43 6.62 -4.60 7.94
C GLY A 43 6.50 -3.36 8.84
N ASP A 44 6.96 -3.56 10.06
CA ASP A 44 6.78 -2.56 11.08
C ASP A 44 7.74 -1.40 10.90
N ALA A 45 8.97 -1.64 10.47
CA ALA A 45 9.94 -0.53 10.38
C ALA A 45 9.53 0.45 9.29
N LYS A 46 9.28 -0.02 8.07
CA LYS A 46 8.76 0.83 7.01
C LYS A 46 7.35 1.29 7.34
N GLY A 47 6.62 0.44 8.03
CA GLY A 47 5.27 0.79 8.41
C GLY A 47 5.19 2.04 9.31
N GLN A 48 6.13 2.19 10.23
CA GLN A 48 6.16 3.41 11.07
C GLN A 48 6.39 4.65 10.24
N ILE A 49 7.21 4.53 9.19
CA ILE A 49 7.42 5.64 8.30
C ILE A 49 6.14 5.96 7.50
N MET A 50 5.48 4.95 6.95
CA MET A 50 4.18 5.09 6.33
C MET A 50 3.14 5.86 7.22
N ASP A 51 3.05 5.40 8.46
CA ASP A 51 2.16 5.95 9.49
C ASP A 51 2.43 7.47 9.61
N ALA A 52 3.71 7.85 9.74
CA ALA A 52 4.11 9.24 9.85
C ALA A 52 3.72 10.09 8.64
N VAL A 53 3.95 9.58 7.42
CA VAL A 53 3.51 10.20 6.22
C VAL A 53 2.01 10.39 6.09
N ILE A 54 1.23 9.33 6.37
CA ILE A 54 -0.22 9.39 6.37
C ILE A 54 -0.77 10.47 7.37
N ARG A 55 -0.24 10.46 8.59
CA ARG A 55 -0.62 11.44 9.60
C ARG A 55 -0.27 12.84 9.15
N GLU A 56 0.88 13.06 8.53
CA GLU A 56 1.20 14.36 8.03
C GLU A 56 0.19 14.92 6.99
N TYR A 57 -0.18 14.11 6.02
CA TYR A 57 -0.99 14.57 4.90
C TYR A 57 -2.51 14.38 5.10
N SER A 58 -2.92 13.58 6.06
CA SER A 58 -4.35 13.35 6.31
C SER A 58 -5.18 13.14 5.01
N PRO A 59 -4.80 12.14 4.19
CA PRO A 59 -5.47 12.03 2.90
C PRO A 59 -6.93 11.55 3.08
N SER A 60 -7.79 12.16 2.29
CA SER A 60 -9.20 11.77 2.14
C SER A 60 -9.43 10.58 1.18
N LEU A 61 -8.57 10.42 0.16
CA LEU A 61 -8.71 9.32 -0.85
C LEU A 61 -7.31 8.76 -1.17
N VAL A 62 -7.09 7.51 -0.81
CA VAL A 62 -5.80 6.83 -1.01
C VAL A 62 -5.99 5.65 -1.96
N LEU A 63 -5.06 5.49 -2.90
CA LEU A 63 -5.01 4.31 -3.78
C LEU A 63 -3.79 3.49 -3.40
N GLU A 64 -4.00 2.21 -3.15
CA GLU A 64 -2.92 1.28 -2.93
C GLU A 64 -2.79 0.37 -4.14
N LEU A 65 -1.60 0.29 -4.70
CA LEU A 65 -1.30 -0.72 -5.76
C LEU A 65 -0.62 -1.90 -5.12
N GLY A 66 -1.37 -3.01 -5.01
CA GLY A 66 -0.80 -4.27 -4.52
C GLY A 66 -1.12 -4.58 -3.06
N ALA A 67 -2.29 -5.13 -2.80
CA ALA A 67 -2.75 -5.37 -1.42
C ALA A 67 -2.00 -6.49 -0.72
N TYR A 68 -1.71 -7.55 -1.48
CA TYR A 68 -1.15 -8.78 -0.90
C TYR A 68 -2.10 -9.38 0.14
N CYS A 69 -1.71 -9.39 1.42
CA CYS A 69 -2.53 -9.97 2.51
C CYS A 69 -3.29 -8.93 3.28
N GLY A 70 -3.08 -7.66 2.91
CA GLY A 70 -3.83 -6.52 3.42
C GLY A 70 -3.11 -5.83 4.57
N TYR A 71 -1.86 -6.19 4.84
CA TYR A 71 -1.12 -5.57 5.95
C TYR A 71 -1.08 -4.06 5.81
N SER A 72 -0.63 -3.56 4.66
CA SER A 72 -0.56 -2.11 4.49
CA SER A 72 -0.55 -2.11 4.43
C SER A 72 -1.95 -1.50 4.36
N ALA A 73 -2.94 -2.25 3.85
CA ALA A 73 -4.30 -1.74 3.82
C ALA A 73 -4.83 -1.49 5.23
N VAL A 74 -4.56 -2.40 6.14
CA VAL A 74 -4.91 -2.27 7.56
C VAL A 74 -4.12 -1.12 8.16
N ARG A 75 -2.82 -1.08 7.88
CA ARG A 75 -1.97 -0.03 8.42
C ARG A 75 -2.44 1.36 8.05
N MET A 76 -2.79 1.56 6.78
CA MET A 76 -3.24 2.85 6.32
C MET A 76 -4.69 3.16 6.73
N ALA A 77 -5.61 2.22 6.53
CA ALA A 77 -6.99 2.50 6.87
C ALA A 77 -7.23 2.82 8.35
N ARG A 78 -6.46 2.22 9.25
CA ARG A 78 -6.63 2.55 10.70
C ARG A 78 -6.34 4.02 11.05
N LEU A 79 -5.63 4.74 10.17
CA LEU A 79 -5.25 6.14 10.40
C LEU A 79 -6.06 7.13 9.59
N LEU A 80 -6.97 6.61 8.77
CA LEU A 80 -7.82 7.45 7.99
C LEU A 80 -8.91 8.11 8.86
N GLN A 81 -9.15 9.38 8.59
CA GLN A 81 -10.21 10.14 9.28
C GLN A 81 -11.58 9.62 8.87
N PRO A 82 -12.61 9.92 9.68
CA PRO A 82 -13.92 9.43 9.28
C PRO A 82 -14.35 9.99 7.90
N GLY A 83 -14.95 9.16 7.05
CA GLY A 83 -15.35 9.59 5.70
C GLY A 83 -14.28 9.39 4.61
N ALA A 84 -13.03 9.22 5.02
CA ALA A 84 -11.93 8.98 4.07
C ALA A 84 -11.98 7.53 3.56
N ARG A 85 -11.38 7.29 2.40
CA ARG A 85 -11.52 6.01 1.69
C ARG A 85 -10.15 5.53 1.23
N LEU A 86 -9.92 4.23 1.33
CA LEU A 86 -8.79 3.52 0.70
C LEU A 86 -9.34 2.59 -0.39
N LEU A 87 -8.79 2.71 -1.59
CA LEU A 87 -9.02 1.74 -2.68
C LEU A 87 -7.73 0.98 -2.85
N THR A 88 -7.83 -0.35 -2.87
CA THR A 88 -6.62 -1.19 -2.99
C THR A 88 -6.78 -2.22 -4.13
N MET A 89 -5.78 -2.29 -5.01
CA MET A 89 -5.82 -3.13 -6.24
C MET A 89 -4.96 -4.35 -6.02
N GLU A 90 -5.52 -5.55 -6.27
CA GLU A 90 -4.81 -6.78 -6.09
C GLU A 90 -5.04 -7.68 -7.29
N ILE A 91 -3.96 -8.04 -7.95
CA ILE A 91 -4.08 -8.87 -9.16
C ILE A 91 -4.45 -10.35 -8.90
N ASN A 92 -4.07 -10.87 -7.74
CA ASN A 92 -4.36 -12.26 -7.39
C ASN A 92 -5.71 -12.39 -6.63
N PRO A 93 -6.68 -13.13 -7.19
CA PRO A 93 -7.95 -13.27 -6.45
C PRO A 93 -7.86 -14.00 -5.10
N ASP A 94 -6.93 -14.93 -4.91
CA ASP A 94 -6.72 -15.53 -3.59
C ASP A 94 -6.28 -14.49 -2.54
N CYS A 95 -5.28 -13.70 -2.90
CA CYS A 95 -4.80 -12.58 -2.06
C CYS A 95 -5.89 -11.54 -1.81
N ALA A 96 -6.69 -11.25 -2.84
CA ALA A 96 -7.75 -10.24 -2.73
C ALA A 96 -8.80 -10.69 -1.73
N ALA A 97 -9.11 -12.00 -1.75
CA ALA A 97 -9.99 -12.64 -0.75
C ALA A 97 -9.41 -12.57 0.66
N ILE A 98 -8.16 -12.95 0.81
CA ILE A 98 -7.46 -12.86 2.09
C ILE A 98 -7.40 -11.44 2.63
N THR A 99 -7.11 -10.48 1.76
CA THR A 99 -7.14 -9.06 2.13
C THR A 99 -8.52 -8.62 2.64
N GLN A 100 -9.59 -9.10 2.00
CA GLN A 100 -10.94 -8.72 2.45
C GLN A 100 -11.18 -9.28 3.84
N GLN A 101 -10.81 -10.53 4.05
CA GLN A 101 -10.96 -11.15 5.39
C GLN A 101 -10.14 -10.47 6.47
N MET A 102 -8.91 -10.05 6.15
CA MET A 102 -8.05 -9.30 7.06
C MET A 102 -8.69 -7.98 7.50
N LEU A 103 -9.24 -7.26 6.54
CA LEU A 103 -9.88 -6.00 6.82
C LEU A 103 -11.15 -6.20 7.67
N ASN A 104 -11.93 -7.21 7.29
CA ASN A 104 -13.15 -7.58 8.04
C ASN A 104 -12.83 -7.81 9.53
N PHE A 105 -11.82 -8.63 9.76
CA PHE A 105 -11.40 -8.93 11.11
C PHE A 105 -10.98 -7.67 11.88
N ALA A 106 -10.22 -6.82 11.21
CA ALA A 106 -9.78 -5.58 11.82
C ALA A 106 -10.90 -4.56 12.05
N GLY A 107 -12.06 -4.76 11.45
CA GLY A 107 -13.16 -3.82 11.58
C GLY A 107 -13.06 -2.62 10.68
N LEU A 108 -12.23 -2.73 9.62
CA LEU A 108 -11.97 -1.66 8.68
C LEU A 108 -12.70 -1.77 7.34
N GLN A 109 -13.56 -2.76 7.18
CA GLN A 109 -14.15 -3.02 5.89
C GLN A 109 -14.91 -1.85 5.35
N ASP A 110 -15.42 -0.97 6.23
CA ASP A 110 -16.23 0.14 5.73
C ASP A 110 -15.43 1.19 5.00
N LYS A 111 -14.16 1.31 5.34
CA LYS A 111 -13.29 2.33 4.75
C LYS A 111 -12.57 1.88 3.46
N VAL A 112 -12.54 0.58 3.18
CA VAL A 112 -11.65 -0.01 2.14
C VAL A 112 -12.47 -0.68 1.05
N THR A 113 -12.07 -0.44 -0.21
CA THR A 113 -12.70 -1.09 -1.36
C THR A 113 -11.62 -1.84 -2.14
N ILE A 114 -11.78 -3.17 -2.27
CA ILE A 114 -10.81 -4.03 -2.97
C ILE A 114 -11.21 -4.14 -4.40
N LEU A 115 -10.23 -3.91 -5.28
CA LEU A 115 -10.41 -3.97 -6.73
C LEU A 115 -9.59 -5.17 -7.18
N ASN A 116 -10.24 -6.16 -7.81
CA ASN A 116 -9.50 -7.36 -8.28
C ASN A 116 -9.18 -7.20 -9.75
N GLY A 117 -7.90 -7.20 -10.08
CA GLY A 117 -7.48 -6.95 -11.43
C GLY A 117 -6.05 -6.44 -11.49
N ALA A 118 -5.58 -6.29 -12.70
CA ALA A 118 -4.26 -5.71 -12.95
C ALA A 118 -4.40 -4.20 -12.86
N SER A 119 -3.47 -3.57 -12.17
CA SER A 119 -3.45 -2.10 -12.13
C SER A 119 -3.70 -1.43 -13.46
N GLN A 120 -3.03 -1.86 -14.54
CA GLN A 120 -3.17 -1.17 -15.84
C GLN A 120 -4.58 -1.20 -16.43
N ASP A 121 -5.32 -2.22 -16.02
CA ASP A 121 -6.71 -2.40 -16.46
C ASP A 121 -7.69 -1.64 -15.55
N LEU A 122 -7.38 -1.58 -14.25
CA LEU A 122 -8.27 -0.95 -13.24
C LEU A 122 -8.14 0.59 -13.16
N ILE A 123 -6.91 1.12 -13.30
CA ILE A 123 -6.68 2.57 -13.22
C ILE A 123 -7.61 3.37 -14.14
N PRO A 124 -7.77 2.94 -15.41
CA PRO A 124 -8.65 3.78 -16.26
C PRO A 124 -10.13 3.70 -15.91
N GLN A 125 -10.50 2.76 -15.07
CA GLN A 125 -11.90 2.64 -14.63
C GLN A 125 -12.17 3.31 -13.26
N LEU A 126 -11.16 3.89 -12.62
CA LEU A 126 -11.41 4.44 -11.28
C LEU A 126 -12.44 5.55 -11.22
N LYS A 127 -12.34 6.55 -12.09
CA LYS A 127 -13.12 7.76 -11.97
C LYS A 127 -14.60 7.42 -12.13
N LYS A 128 -14.90 6.73 -13.23
CA LYS A 128 -16.28 6.36 -13.55
C LYS A 128 -16.86 5.29 -12.65
N LYS A 129 -16.16 4.19 -12.42
CA LYS A 129 -16.73 3.12 -11.60
C LYS A 129 -16.63 3.30 -10.10
N TYR A 130 -15.69 4.13 -9.64
CA TYR A 130 -15.46 4.26 -8.20
C TYR A 130 -15.59 5.71 -7.68
N ASP A 131 -16.11 6.60 -8.51
CA ASP A 131 -16.53 7.94 -8.07
C ASP A 131 -15.34 8.70 -7.53
N VAL A 132 -14.27 8.73 -8.33
CA VAL A 132 -12.98 9.30 -7.95
C VAL A 132 -12.78 10.49 -8.84
N ASP A 133 -12.34 11.61 -8.28
CA ASP A 133 -11.89 12.74 -9.09
C ASP A 133 -10.36 12.65 -9.14
N THR A 134 -9.69 13.09 -8.08
CA THR A 134 -8.22 12.96 -8.01
C THR A 134 -7.85 12.30 -6.68
N LEU A 135 -6.66 11.72 -6.65
CA LEU A 135 -6.18 10.96 -5.52
C LEU A 135 -5.37 11.89 -4.66
N ASP A 136 -5.48 11.76 -3.35
CA ASP A 136 -4.62 12.51 -2.44
C ASP A 136 -3.27 11.85 -2.22
N MET A 137 -3.26 10.53 -2.23
CA MET A 137 -2.10 9.73 -1.96
C MET A 137 -2.14 8.37 -2.68
N VAL A 138 -0.97 7.90 -3.09
CA VAL A 138 -0.87 6.58 -3.77
C VAL A 138 0.25 5.81 -3.14
N PHE A 139 -0.02 4.59 -2.73
CA PHE A 139 0.99 3.73 -2.22
C PHE A 139 1.30 2.66 -3.26
N LEU A 140 2.55 2.64 -3.70
CA LEU A 140 3.04 1.66 -4.72
C LEU A 140 3.80 0.51 -4.07
N ASP A 141 3.25 -0.71 -4.16
CA ASP A 141 3.87 -1.89 -3.58
C ASP A 141 3.55 -3.16 -4.39
N HIS A 142 3.28 -3.00 -5.66
CA HIS A 142 2.96 -4.14 -6.55
C HIS A 142 4.21 -4.57 -7.33
N TRP A 143 4.02 -5.21 -8.48
CA TRP A 143 5.17 -5.58 -9.28
C TRP A 143 6.08 -4.38 -9.52
N LYS A 144 7.38 -4.58 -9.30
CA LYS A 144 8.30 -3.45 -9.27
C LYS A 144 8.46 -2.87 -10.66
N ASP A 145 8.30 -3.70 -11.69
CA ASP A 145 8.38 -3.18 -13.07
C ASP A 145 7.12 -2.38 -13.50
N ARG A 146 6.09 -2.37 -12.64
CA ARG A 146 4.88 -1.63 -12.90
C ARG A 146 4.82 -0.25 -12.26
N TYR A 147 5.77 0.05 -11.40
CA TYR A 147 5.71 1.36 -10.76
C TYR A 147 5.73 2.54 -11.73
N LEU A 148 6.72 2.57 -12.65
CA LEU A 148 6.76 3.63 -13.62
C LEU A 148 5.58 3.64 -14.60
N PRO A 149 5.25 2.49 -15.23
CA PRO A 149 4.19 2.60 -16.23
C PRO A 149 2.84 2.95 -15.59
N ASP A 150 2.58 2.44 -14.38
CA ASP A 150 1.34 2.80 -13.65
C ASP A 150 1.30 4.26 -13.18
N THR A 151 2.44 4.83 -12.82
CA THR A 151 2.54 6.27 -12.57
C THR A 151 2.21 7.11 -13.79
N LEU A 152 2.72 6.69 -14.96
CA LEU A 152 2.45 7.41 -16.20
C LEU A 152 0.96 7.30 -16.54
N LEU A 153 0.38 6.14 -16.27
CA LEU A 153 -1.06 5.90 -16.50
C LEU A 153 -1.93 6.73 -15.55
N LEU A 154 -1.53 6.85 -14.28
CA LEU A 154 -2.27 7.71 -13.32
C LEU A 154 -2.29 9.10 -13.84
N GLU A 155 -1.14 9.56 -14.32
CA GLU A 155 -1.04 10.89 -14.81
C GLU A 155 -1.93 11.06 -16.08
N LYS A 156 -1.86 10.09 -17.00
CA LYS A 156 -2.61 10.13 -18.30
C LYS A 156 -4.10 10.25 -18.01
N CYS A 157 -4.55 9.47 -17.03
CA CYS A 157 -5.98 9.38 -16.70
C CYS A 157 -6.48 10.51 -15.82
N GLY A 158 -5.64 11.51 -15.53
CA GLY A 158 -6.04 12.68 -14.75
C GLY A 158 -6.29 12.44 -13.28
N LEU A 159 -5.65 11.41 -12.72
CA LEU A 159 -5.83 11.04 -11.33
C LEU A 159 -4.90 11.73 -10.31
N LEU A 160 -3.91 12.44 -10.81
CA LEU A 160 -2.98 13.16 -9.94
C LEU A 160 -3.31 14.66 -9.99
N ARG A 161 -3.21 15.32 -8.86
CA ARG A 161 -3.36 16.77 -8.76
C ARG A 161 -2.08 17.29 -8.09
N LYS A 162 -1.89 18.59 -8.17
CA LYS A 162 -0.76 19.21 -7.50
C LYS A 162 -0.87 18.86 -6.03
N GLY A 163 0.24 18.34 -5.46
CA GLY A 163 0.27 17.86 -4.07
C GLY A 163 -0.13 16.41 -3.78
N THR A 164 -0.57 15.64 -4.80
CA THR A 164 -0.74 14.21 -4.65
C THR A 164 0.59 13.59 -4.25
N VAL A 165 0.56 12.84 -3.18
CA VAL A 165 1.72 12.16 -2.63
C VAL A 165 1.81 10.72 -3.10
N LEU A 166 2.89 10.39 -3.81
CA LEU A 166 3.21 9.01 -4.17
CA LEU A 166 3.23 9.02 -4.17
C LEU A 166 4.24 8.50 -3.18
N LEU A 167 3.98 7.33 -2.61
CA LEU A 167 4.85 6.77 -1.67
C LEU A 167 5.14 5.34 -2.13
N ALA A 168 6.38 5.04 -2.41
CA ALA A 168 6.77 3.78 -3.07
C ALA A 168 7.64 2.89 -2.19
N ASP A 169 7.23 1.64 -1.96
CA ASP A 169 8.02 0.68 -1.23
C ASP A 169 9.07 0.07 -2.14
N ASN A 170 10.16 -0.41 -1.53
CA ASN A 170 11.12 -1.34 -2.13
C ASN A 170 11.91 -0.66 -3.21
N VAL A 171 12.19 0.62 -3.04
CA VAL A 171 12.88 1.34 -4.11
C VAL A 171 14.35 0.95 -4.17
N ILE A 172 14.89 0.36 -3.10
CA ILE A 172 16.26 -0.21 -3.06
C ILE A 172 16.24 -1.73 -3.26
N VAL A 173 15.40 -2.44 -2.50
CA VAL A 173 15.35 -3.90 -2.53
C VAL A 173 13.92 -4.35 -2.54
N PRO A 174 13.50 -5.06 -3.60
CA PRO A 174 14.28 -5.53 -4.78
C PRO A 174 14.70 -4.43 -5.74
N GLY A 175 14.12 -3.24 -5.57
CA GLY A 175 14.50 -2.07 -6.35
C GLY A 175 13.54 -1.76 -7.49
N THR A 176 13.46 -0.47 -7.82
CA THR A 176 12.60 0.05 -8.87
CA THR A 176 12.61 -0.01 -8.91
C THR A 176 13.39 1.12 -9.59
N PRO A 177 14.46 0.72 -10.29
CA PRO A 177 15.40 1.73 -10.71
C PRO A 177 14.86 2.67 -11.78
N ASP A 178 14.01 2.18 -12.70
CA ASP A 178 13.39 3.09 -13.70
C ASP A 178 12.48 4.13 -13.05
N PHE A 179 11.63 3.68 -12.14
CA PHE A 179 10.75 4.62 -11.42
C PHE A 179 11.55 5.69 -10.69
N LEU A 180 12.57 5.25 -9.96
CA LEU A 180 13.32 6.14 -9.11
C LEU A 180 14.07 7.17 -9.95
N ALA A 181 14.72 6.73 -11.03
CA ALA A 181 15.35 7.66 -11.98
C ALA A 181 14.38 8.67 -12.51
N TYR A 182 13.17 8.19 -12.84
CA TYR A 182 12.19 9.04 -13.48
C TYR A 182 11.69 10.14 -12.58
N VAL A 183 11.14 9.74 -11.44
CA VAL A 183 10.63 10.75 -10.45
C VAL A 183 11.72 11.75 -9.97
N ARG A 184 12.90 11.25 -9.69
CA ARG A 184 14.03 12.08 -9.27
C ARG A 184 14.53 13.01 -10.37
N GLY A 185 14.44 12.57 -11.61
CA GLY A 185 14.75 13.47 -12.75
C GLY A 185 13.68 14.44 -13.23
N SER A 186 12.43 14.27 -12.81
CA SER A 186 11.33 15.02 -13.38
C SER A 186 10.99 16.26 -12.56
N SER A 187 10.80 17.38 -13.26
CA SER A 187 10.32 18.59 -12.61
C SER A 187 8.86 18.49 -12.16
N SER A 188 8.14 17.46 -12.59
CA SER A 188 6.80 17.20 -12.07
C SER A 188 6.76 16.55 -10.69
N PHE A 189 7.90 16.12 -10.14
CA PHE A 189 7.88 15.43 -8.86
C PHE A 189 8.92 16.06 -7.91
N GLU A 190 8.55 16.24 -6.65
CA GLU A 190 9.55 16.61 -5.61
C GLU A 190 9.70 15.42 -4.72
N CYS A 191 10.92 14.88 -4.64
CA CYS A 191 11.17 13.57 -4.07
C CYS A 191 11.95 13.65 -2.76
N THR A 192 11.61 12.73 -1.86
CA THR A 192 12.29 12.55 -0.58
C THR A 192 12.47 11.06 -0.38
N HIS A 193 13.67 10.66 -0.01
CA HIS A 193 13.98 9.26 0.34
C HIS A 193 13.99 9.05 1.85
N TYR A 194 13.30 7.98 2.29
CA TYR A 194 13.28 7.55 3.71
C TYR A 194 13.96 6.25 3.83
N SER A 195 15.20 6.27 4.38
CA SER A 195 15.96 5.04 4.55
C SER A 195 15.43 4.19 5.68
N SER A 196 15.33 2.89 5.41
CA SER A 196 14.79 1.93 6.35
C SER A 196 15.40 0.54 6.10
N TYR A 197 14.62 -0.49 6.42
CA TYR A 197 15.03 -1.90 6.26
C TYR A 197 13.95 -2.73 5.62
N LEU A 198 14.39 -3.73 4.86
CA LEU A 198 13.48 -4.66 4.25
C LEU A 198 12.76 -5.36 5.40
N GLU A 199 11.46 -5.52 5.25
CA GLU A 199 10.59 -6.18 6.23
C GLU A 199 11.19 -7.47 6.81
N TYR A 200 11.18 -7.53 8.15
CA TYR A 200 11.61 -8.72 8.90
C TYR A 200 13.08 -9.07 8.74
N MET A 201 13.91 -8.10 8.31
CA MET A 201 15.34 -8.35 7.96
C MET A 201 16.28 -7.13 8.22
N LYS A 202 17.61 -7.36 8.11
CA LYS A 202 18.64 -6.31 8.34
C LYS A 202 19.13 -5.64 7.03
N VAL A 203 18.57 -6.06 5.93
CA VAL A 203 18.93 -5.52 4.61
C VAL A 203 18.37 -4.09 4.43
N VAL A 204 19.19 -3.16 3.94
CA VAL A 204 18.77 -1.76 3.77
C VAL A 204 17.72 -1.70 2.65
N ASP A 205 16.58 -1.04 2.89
CA ASP A 205 15.63 -0.68 1.84
C ASP A 205 15.12 0.74 2.13
N GLY A 206 14.21 1.25 1.33
CA GLY A 206 13.62 2.56 1.66
C GLY A 206 12.33 2.81 0.94
N LEU A 207 11.63 3.85 1.39
CA LEU A 207 10.46 4.33 0.73
C LEU A 207 10.87 5.63 0.02
N GLU A 208 10.31 5.87 -1.15
CA GLU A 208 10.42 7.16 -1.79
C GLU A 208 9.10 7.86 -1.77
N LYS A 209 9.13 9.12 -1.40
CA LYS A 209 7.99 9.96 -1.46
C LYS A 209 8.23 10.90 -2.63
N ALA A 210 7.26 10.90 -3.52
CA ALA A 210 7.30 11.76 -4.70
C ALA A 210 6.00 12.54 -4.78
N ILE A 211 6.08 13.88 -4.63
CA ILE A 211 4.90 14.73 -4.60
C ILE A 211 4.74 15.37 -5.95
N TYR A 212 3.61 15.08 -6.56
CA TYR A 212 3.36 15.56 -7.91
C TYR A 212 3.18 17.06 -7.87
N GLN A 213 3.81 17.75 -8.82
CA GLN A 213 3.83 19.22 -8.85
C GLN A 213 2.93 19.82 -9.91
N GLY A 214 2.34 18.98 -10.76
CA GLY A 214 1.56 19.47 -11.91
C GLY A 214 2.30 19.21 -13.20
N PRO A 215 1.61 19.33 -14.35
CA PRO A 215 2.15 18.93 -15.68
C PRO A 215 3.37 19.74 -16.20
MG MG B . 6.89 -4.26 -0.64
CL CL C . 1.73 -5.05 2.86
C1 OZR D . 0.83 -9.19 -4.81
C2 OZR D . 0.34 -10.65 -4.53
C3 OZR D . 1.66 -11.42 -4.64
O4 OZR D . 2.45 -10.75 -5.64
C5 OZR D . 1.86 -9.45 -5.95
C6 OZR D . 2.86 -8.35 -5.99
O7 OZR D . -0.07 -8.16 -5.23
O8 OZR D . -0.54 -11.04 -5.56
C9 OZR D . 4.07 -8.42 -5.42
C10 OZR D . 5.03 -7.30 -5.47
N11 OZR D . 5.84 -7.20 -4.28
C12 OZR D . 7.07 -7.77 -4.25
C13 OZR D . 7.96 -7.61 -3.07
C14 OZR D . 7.64 -6.65 -2.07
C15 OZR D . 8.46 -6.54 -0.95
C16 OZR D . 9.62 -7.31 -0.81
C17 OZR D . 9.91 -8.26 -1.82
C18 OZR D . 9.10 -8.41 -2.92
N19 OZR D . 11.08 -9.15 -1.78
O20 OZR D . 6.57 -5.82 -2.13
O21 OZR D . 8.21 -5.62 0.04
O22 OZR D . 7.46 -8.46 -5.21
O23 OZR D . 11.97 -8.99 -0.96
O24 OZR D . 11.08 -10.02 -2.59
#